data_3GLY
#
_entry.id   3GLY
#
_cell.length_a   116.700
_cell.length_b   104.300
_cell.length_c   48.490
_cell.angle_alpha   90.00
_cell.angle_beta   90.00
_cell.angle_gamma   90.00
#
_symmetry.space_group_name_H-M   'P 21 21 21'
#
loop_
_entity.id
_entity.type
_entity.pdbx_description
1 polymer GLUCOAMYLASE-471
2 branched alpha-D-mannopyranose-(1-2)-alpha-D-mannopyranose-(1-3)-beta-D-mannopyranose-(1-4)-2-acetamido-2-deoxy-beta-D-glucopyranose-(1-4)-2-acetamido-2-deoxy-beta-D-glucopyranose
3 branched alpha-D-mannopyranose-(1-2)-alpha-D-mannopyranose-(1-3)-[alpha-D-mannopyranose-(1-3)-[alpha-D-mannopyranose-(1-6)]alpha-D-mannopyranose-(1-6)]beta-D-mannopyranose-(1-4)-2-acetamido-2-deoxy-beta-D-glucopyranose-(1-4)-2-acetamido-2-deoxy-beta-D-glucopyranose
4 non-polymer alpha-D-mannopyranose
5 water water
#
_entity_poly.entity_id   1
_entity_poly.type   'polypeptide(L)'
_entity_poly.pdbx_seq_one_letter_code
;ATLDSWLSNEATVARTAILNNIGADGAWVSGADSGIVVASPSTDNPDYFYTWTRDSGLVIKTLVDLFRNGDTDLLSTIEH
YISSQAIIQGVSNPSGDLSSGGLGEPKFNVDETAYTGSWGRPQRDGPALRATAMIGFGQWLLDNGYTSAATEIVWPLVRN
DLSYVAQYWNQTGYDLWEEVNGSSFFTIAVQHRALVEGSAFATAVGSSCSWCDSQAPQILCYLQSFWTGSYILANFDSSR
SGKDTNTLLGSIHTFDPEAGCDDSTFQPCSPRALANHKEVVDSFRSIYTLNDGLSDSEAVAVGRYPEDSYYNGNPWFLCT
LAAAEQLYDALYQWDKQGSLEITDVSLDFFKALYSGAATGTYSSSSSTYSSIVSAVKTFADGFVSIVETHAASNGSLSEQ
FDKSDGDELSARDLTWSYAALLTANNRRNSVVPPSWGETSASSVPGTCAATSASGTYSSVTVTSWPSIVA
;
_entity_poly.pdbx_strand_id   A
#
# COMPACT_ATOMS: atom_id res chain seq x y z
N ALA A 1 5.55 13.14 -24.00
CA ALA A 1 4.86 12.89 -25.28
C ALA A 1 4.34 11.46 -25.30
N THR A 2 5.28 10.55 -25.25
CA THR A 2 5.10 9.10 -25.22
C THR A 2 4.50 8.69 -23.86
N LEU A 3 5.23 9.04 -22.81
CA LEU A 3 4.85 8.68 -21.45
C LEU A 3 3.48 9.19 -21.03
N ASP A 4 3.30 10.49 -21.10
CA ASP A 4 2.04 11.12 -20.71
C ASP A 4 0.83 10.45 -21.37
N SER A 5 1.06 10.12 -22.63
CA SER A 5 0.03 9.52 -23.47
C SER A 5 -0.24 8.06 -23.14
N TRP A 6 0.83 7.33 -22.89
CA TRP A 6 0.76 5.90 -22.55
C TRP A 6 -0.04 5.76 -21.25
N LEU A 7 0.25 6.64 -20.31
CA LEU A 7 -0.41 6.67 -19.02
C LEU A 7 -1.89 6.93 -19.02
N SER A 8 -2.36 7.83 -19.87
CA SER A 8 -3.79 8.17 -19.95
C SER A 8 -4.55 6.90 -20.38
N ASN A 9 -3.92 6.28 -21.35
CA ASN A 9 -4.41 5.04 -21.92
C ASN A 9 -4.36 3.88 -20.93
N GLU A 10 -3.22 3.72 -20.29
CA GLU A 10 -3.02 2.63 -19.34
C GLU A 10 -4.00 2.72 -18.18
N ALA A 11 -4.29 3.93 -17.73
CA ALA A 11 -5.23 4.17 -16.64
C ALA A 11 -6.60 3.59 -16.96
N THR A 12 -7.03 3.66 -18.22
CA THR A 12 -8.30 3.12 -18.66
C THR A 12 -8.30 1.60 -18.69
N VAL A 13 -7.21 1.04 -19.21
CA VAL A 13 -7.04 -0.42 -19.24
C VAL A 13 -6.96 -0.95 -17.81
N ALA A 14 -6.24 -0.24 -16.94
CA ALA A 14 -6.06 -0.65 -15.56
C ALA A 14 -7.40 -0.73 -14.84
N ARG A 15 -8.26 0.24 -15.04
CA ARG A 15 -9.58 0.26 -14.39
C ARG A 15 -10.45 -0.91 -14.86
N THR A 16 -10.47 -1.15 -16.16
CA THR A 16 -11.25 -2.25 -16.72
C THR A 16 -10.73 -3.61 -16.22
N ALA A 17 -9.42 -3.79 -16.31
CA ALA A 17 -8.78 -5.03 -15.93
C ALA A 17 -9.08 -5.37 -14.47
N ILE A 18 -9.07 -4.32 -13.61
CA ILE A 18 -9.36 -4.56 -12.20
C ILE A 18 -10.78 -5.15 -12.06
N LEU A 19 -11.78 -4.48 -12.60
CA LEU A 19 -13.17 -4.93 -12.55
C LEU A 19 -13.35 -6.32 -13.12
N ASN A 20 -12.50 -6.70 -14.05
CA ASN A 20 -12.58 -8.00 -14.69
C ASN A 20 -12.15 -9.07 -13.68
N ASN A 21 -11.46 -8.61 -12.65
CA ASN A 21 -10.94 -9.55 -11.64
C ASN A 21 -11.74 -9.55 -10.35
N ILE A 22 -12.92 -8.97 -10.36
CA ILE A 22 -13.80 -8.92 -9.18
C ILE A 22 -15.10 -9.64 -9.49
N GLY A 23 -15.57 -10.47 -8.57
CA GLY A 23 -16.81 -11.20 -8.71
C GLY A 23 -18.01 -10.30 -8.44
N ALA A 24 -19.21 -10.71 -8.85
CA ALA A 24 -19.50 -11.96 -9.53
C ALA A 24 -19.77 -11.83 -11.03
N ASP A 25 -19.45 -10.68 -11.59
CA ASP A 25 -19.65 -10.41 -13.04
C ASP A 25 -18.29 -10.20 -13.71
N GLY A 26 -17.20 -10.25 -12.96
CA GLY A 26 -15.83 -10.09 -13.48
C GLY A 26 -15.68 -11.09 -14.62
N ALA A 27 -15.26 -10.59 -15.76
CA ALA A 27 -15.10 -11.41 -16.99
C ALA A 27 -14.01 -12.45 -16.92
N TRP A 28 -12.96 -12.21 -16.15
CA TRP A 28 -11.83 -13.14 -16.03
C TRP A 28 -11.88 -14.07 -14.85
N VAL A 29 -12.84 -13.84 -13.96
CA VAL A 29 -12.89 -14.65 -12.75
C VAL A 29 -14.19 -15.34 -12.40
N SER A 30 -14.86 -15.91 -13.36
CA SER A 30 -16.10 -16.69 -13.20
C SER A 30 -15.84 -17.71 -12.10
N GLY A 31 -16.65 -17.70 -11.09
CA GLY A 31 -16.50 -18.57 -9.92
C GLY A 31 -16.26 -17.74 -8.66
N ALA A 32 -15.77 -16.49 -8.80
CA ALA A 32 -15.56 -15.65 -7.61
C ALA A 32 -16.86 -15.11 -7.09
N ASP A 33 -17.10 -15.08 -5.77
CA ASP A 33 -18.39 -14.56 -5.27
C ASP A 33 -18.46 -13.03 -5.45
N SER A 34 -19.61 -12.45 -5.17
CA SER A 34 -19.92 -11.03 -5.31
C SER A 34 -19.05 -10.20 -4.34
N GLY A 35 -18.22 -9.30 -4.87
CA GLY A 35 -17.37 -8.44 -4.08
C GLY A 35 -15.99 -8.98 -3.80
N ILE A 36 -15.68 -10.13 -4.30
CA ILE A 36 -14.40 -10.83 -4.15
C ILE A 36 -13.40 -10.39 -5.24
N VAL A 37 -12.28 -9.86 -4.75
CA VAL A 37 -11.16 -9.38 -5.58
C VAL A 37 -10.20 -10.58 -5.71
N VAL A 38 -10.02 -10.99 -6.96
CA VAL A 38 -9.09 -12.11 -7.19
C VAL A 38 -7.71 -11.55 -7.50
N ALA A 39 -6.67 -12.15 -6.95
CA ALA A 39 -5.29 -11.66 -7.19
C ALA A 39 -5.00 -11.64 -8.68
N SER A 40 -5.23 -12.76 -9.33
CA SER A 40 -5.03 -12.93 -10.80
C SER A 40 -5.95 -14.05 -11.27
N PRO A 41 -6.28 -14.05 -12.55
CA PRO A 41 -7.10 -15.14 -13.11
C PRO A 41 -6.25 -16.38 -13.36
N SER A 42 -4.95 -16.33 -13.04
CA SER A 42 -4.06 -17.48 -13.27
C SER A 42 -4.40 -18.56 -12.26
N THR A 43 -4.85 -19.71 -12.75
CA THR A 43 -5.27 -20.86 -11.94
C THR A 43 -4.15 -21.88 -11.92
N ASP A 44 -3.20 -21.82 -12.84
CA ASP A 44 -2.08 -22.75 -12.88
C ASP A 44 -0.77 -21.99 -13.16
N ASN A 45 0.26 -22.44 -12.49
CA ASN A 45 1.63 -21.99 -12.64
C ASN A 45 1.84 -20.51 -12.93
N PRO A 46 1.68 -19.65 -11.93
CA PRO A 46 1.29 -20.03 -10.56
C PRO A 46 -0.22 -19.96 -10.37
N ASP A 47 -0.68 -20.50 -9.25
CA ASP A 47 -2.08 -20.49 -8.89
C ASP A 47 -2.31 -19.31 -7.92
N TYR A 48 -2.86 -18.25 -8.45
CA TYR A 48 -3.18 -17.02 -7.74
C TYR A 48 -4.70 -16.80 -7.69
N PHE A 49 -5.46 -17.82 -8.05
CA PHE A 49 -6.96 -17.72 -8.09
C PHE A 49 -7.53 -17.92 -6.69
N TYR A 50 -7.35 -16.91 -5.86
CA TYR A 50 -7.70 -16.75 -4.49
C TYR A 50 -7.94 -15.25 -4.22
N THR A 51 -8.45 -14.99 -3.04
CA THR A 51 -8.69 -13.59 -2.62
C THR A 51 -7.87 -13.41 -1.35
N TRP A 52 -7.00 -12.42 -1.34
CA TRP A 52 -6.10 -12.08 -0.21
C TRP A 52 -6.66 -10.84 0.48
N THR A 53 -6.68 -10.77 1.79
CA THR A 53 -7.19 -9.59 2.52
C THR A 53 -6.36 -8.36 2.14
N ARG A 54 -5.04 -8.51 2.07
CA ARG A 54 -4.15 -7.39 1.66
C ARG A 54 -4.47 -6.90 0.26
N ASP A 55 -4.39 -7.77 -0.71
CA ASP A 55 -4.64 -7.45 -2.14
C ASP A 55 -5.97 -6.73 -2.32
N SER A 56 -7.01 -7.35 -1.79
CA SER A 56 -8.36 -6.73 -1.90
C SER A 56 -8.41 -5.39 -1.19
N GLY A 57 -7.75 -5.29 -0.06
CA GLY A 57 -7.79 -4.06 0.77
C GLY A 57 -7.16 -2.90 -0.01
N LEU A 58 -6.02 -3.21 -0.59
CA LEU A 58 -5.24 -2.26 -1.41
C LEU A 58 -6.00 -1.82 -2.64
N VAL A 59 -6.59 -2.76 -3.35
CA VAL A 59 -7.33 -2.49 -4.57
C VAL A 59 -8.56 -1.62 -4.28
N ILE A 60 -9.27 -1.98 -3.22
CA ILE A 60 -10.50 -1.28 -2.84
C ILE A 60 -10.22 0.11 -2.36
N LYS A 61 -9.12 0.31 -1.64
CA LYS A 61 -8.82 1.68 -1.16
C LYS A 61 -8.62 2.53 -2.42
N THR A 62 -7.96 1.96 -3.40
CA THR A 62 -7.69 2.64 -4.68
C THR A 62 -9.00 2.97 -5.40
N LEU A 63 -9.89 1.97 -5.42
CA LEU A 63 -11.19 2.21 -6.06
C LEU A 63 -11.99 3.24 -5.27
N VAL A 64 -11.93 3.20 -3.97
CA VAL A 64 -12.66 4.15 -3.11
C VAL A 64 -12.25 5.58 -3.45
N ASP A 65 -10.97 5.81 -3.62
CA ASP A 65 -10.40 7.13 -3.93
C ASP A 65 -10.85 7.59 -5.32
N LEU A 66 -10.92 6.67 -6.27
CA LEU A 66 -11.39 7.02 -7.62
C LEU A 66 -12.84 7.48 -7.56
N PHE A 67 -13.62 6.78 -6.77
CA PHE A 67 -15.04 7.00 -6.56
C PHE A 67 -15.33 8.38 -5.96
N ARG A 68 -14.64 8.69 -4.89
CA ARG A 68 -14.77 9.98 -4.20
C ARG A 68 -14.40 11.14 -5.13
N ASN A 69 -13.51 10.89 -6.06
CA ASN A 69 -13.04 11.87 -7.03
C ASN A 69 -13.99 11.94 -8.22
N GLY A 70 -15.09 11.22 -8.24
CA GLY A 70 -16.06 11.24 -9.31
C GLY A 70 -16.38 9.99 -10.08
N ASP A 71 -15.69 8.91 -9.92
CA ASP A 71 -15.97 7.66 -10.67
C ASP A 71 -17.14 6.96 -9.95
N THR A 72 -18.30 7.56 -10.07
CA THR A 72 -19.51 7.12 -9.39
C THR A 72 -19.94 5.72 -9.71
N ASP A 73 -19.62 5.28 -10.92
CA ASP A 73 -19.97 3.91 -11.30
C ASP A 73 -19.32 2.84 -10.46
N LEU A 74 -18.38 3.14 -9.58
CA LEU A 74 -17.71 2.10 -8.78
C LEU A 74 -18.49 1.82 -7.52
N LEU A 75 -19.63 2.48 -7.33
CA LEU A 75 -20.42 2.30 -6.12
C LEU A 75 -20.79 0.85 -5.83
N SER A 76 -21.39 0.20 -6.80
CA SER A 76 -21.85 -1.22 -6.58
C SER A 76 -20.69 -2.11 -6.29
N THR A 77 -19.51 -1.90 -6.87
CA THR A 77 -18.31 -2.69 -6.63
C THR A 77 -17.93 -2.61 -5.14
N ILE A 78 -17.90 -1.40 -4.64
CA ILE A 78 -17.51 -1.13 -3.25
C ILE A 78 -18.51 -1.75 -2.28
N GLU A 79 -19.79 -1.56 -2.58
CA GLU A 79 -20.84 -2.11 -1.74
C GLU A 79 -20.75 -3.64 -1.69
N HIS A 80 -20.44 -4.24 -2.80
CA HIS A 80 -20.35 -5.73 -2.86
C HIS A 80 -19.18 -6.21 -2.01
N TYR A 81 -18.09 -5.45 -2.03
CA TYR A 81 -16.89 -5.75 -1.28
C TYR A 81 -17.16 -5.80 0.24
N ILE A 82 -17.74 -4.75 0.74
CA ILE A 82 -18.13 -4.56 2.12
C ILE A 82 -19.01 -5.74 2.54
N SER A 83 -20.07 -6.01 1.75
CA SER A 83 -20.97 -7.12 2.09
C SER A 83 -20.19 -8.44 2.08
N SER A 84 -19.26 -8.61 1.14
CA SER A 84 -18.50 -9.87 1.15
C SER A 84 -17.63 -9.98 2.40
N GLN A 85 -17.21 -8.84 2.91
CA GLN A 85 -16.30 -8.85 4.09
C GLN A 85 -17.02 -9.18 5.37
N ALA A 86 -18.28 -8.85 5.46
CA ALA A 86 -19.10 -9.21 6.64
C ALA A 86 -19.12 -10.74 6.81
N ILE A 87 -19.19 -11.41 5.67
CA ILE A 87 -19.19 -12.88 5.64
C ILE A 87 -17.78 -13.42 5.92
N ILE A 88 -16.80 -13.04 5.12
CA ILE A 88 -15.42 -13.48 5.32
C ILE A 88 -14.94 -13.36 6.78
N GLN A 89 -15.25 -12.25 7.46
CA GLN A 89 -14.83 -12.04 8.86
C GLN A 89 -15.23 -13.18 9.80
N GLY A 90 -16.43 -13.72 9.52
CA GLY A 90 -16.98 -14.80 10.33
C GLY A 90 -16.60 -16.19 9.83
N VAL A 91 -15.84 -16.29 8.74
CA VAL A 91 -15.45 -17.65 8.26
C VAL A 91 -14.35 -18.24 9.18
N SER A 92 -14.64 -19.42 9.69
CA SER A 92 -13.70 -20.19 10.53
C SER A 92 -12.60 -20.67 9.58
N ASN A 93 -11.35 -20.53 9.91
CA ASN A 93 -10.19 -20.88 9.04
C ASN A 93 -9.03 -21.28 9.94
N PRO A 94 -7.92 -21.72 9.36
CA PRO A 94 -6.76 -22.16 10.15
C PRO A 94 -6.20 -21.14 11.10
N SER A 95 -6.47 -19.87 10.87
CA SER A 95 -5.99 -18.81 11.78
C SER A 95 -6.88 -18.63 12.99
N GLY A 96 -8.08 -19.18 12.97
CA GLY A 96 -9.10 -19.08 14.00
C GLY A 96 -10.45 -18.64 13.48
N ASP A 97 -11.27 -18.20 14.41
CA ASP A 97 -12.63 -17.70 14.24
C ASP A 97 -12.59 -16.19 14.38
N LEU A 98 -13.70 -15.49 14.24
CA LEU A 98 -13.77 -14.05 14.31
C LEU A 98 -13.06 -13.48 15.55
N SER A 99 -13.41 -14.00 16.70
CA SER A 99 -12.88 -13.47 17.95
C SER A 99 -11.64 -14.16 18.45
N SER A 100 -11.10 -15.09 17.66
CA SER A 100 -9.97 -15.88 18.17
C SER A 100 -8.80 -16.00 17.23
N GLY A 101 -8.58 -15.01 16.38
CA GLY A 101 -7.50 -14.95 15.44
C GLY A 101 -7.83 -15.08 13.97
N GLY A 102 -9.05 -15.43 13.61
CA GLY A 102 -9.48 -15.63 12.26
C GLY A 102 -9.18 -14.54 11.25
N LEU A 103 -9.21 -13.30 11.74
CA LEU A 103 -8.98 -12.09 10.98
C LEU A 103 -7.60 -11.96 10.35
N GLY A 104 -6.61 -12.66 10.92
CA GLY A 104 -5.24 -12.62 10.40
C GLY A 104 -5.00 -13.55 9.25
N GLU A 105 -6.01 -14.33 8.85
CA GLU A 105 -5.84 -15.30 7.73
C GLU A 105 -5.55 -14.54 6.43
N PRO A 106 -4.46 -14.91 5.75
CA PRO A 106 -4.01 -14.30 4.53
C PRO A 106 -4.97 -14.37 3.36
N LYS A 107 -5.30 -15.59 2.93
CA LYS A 107 -6.17 -15.74 1.76
C LYS A 107 -7.30 -16.75 1.99
N PHE A 108 -8.27 -16.62 1.10
CA PHE A 108 -9.49 -17.48 1.13
C PHE A 108 -9.75 -17.88 -0.32
N ASN A 109 -10.59 -18.88 -0.50
CA ASN A 109 -11.02 -19.31 -1.85
C ASN A 109 -11.97 -18.22 -2.33
N VAL A 110 -12.08 -18.07 -3.61
CA VAL A 110 -12.95 -17.04 -4.25
C VAL A 110 -14.44 -17.25 -3.98
N ASP A 111 -14.81 -18.41 -3.52
CA ASP A 111 -16.18 -18.84 -3.16
C ASP A 111 -16.46 -18.54 -1.69
N GLU A 112 -15.52 -17.87 -1.04
CA GLU A 112 -15.66 -17.46 0.36
C GLU A 112 -15.48 -18.56 1.35
N THR A 113 -14.90 -19.68 0.94
CA THR A 113 -14.64 -20.79 1.89
C THR A 113 -13.17 -20.64 2.30
N ALA A 114 -12.84 -21.23 3.44
CA ALA A 114 -11.46 -21.13 3.93
C ALA A 114 -10.50 -21.92 3.08
N TYR A 115 -9.28 -21.44 3.10
CA TYR A 115 -8.15 -22.10 2.41
C TYR A 115 -7.51 -22.84 3.59
N THR A 116 -7.56 -24.15 3.53
CA THR A 116 -7.09 -25.02 4.57
C THR A 116 -5.73 -25.61 4.48
N GLY A 117 -4.99 -25.51 3.42
CA GLY A 117 -3.63 -26.08 3.35
C GLY A 117 -2.69 -25.19 4.17
N SER A 118 -1.41 -25.54 4.09
CA SER A 118 -0.33 -24.87 4.78
C SER A 118 -0.05 -23.53 4.10
N TRP A 119 0.16 -22.50 4.91
CA TRP A 119 0.43 -21.18 4.30
C TRP A 119 1.20 -20.37 5.36
N GLY A 120 1.85 -19.33 4.89
CA GLY A 120 2.62 -18.48 5.90
C GLY A 120 1.53 -17.61 6.54
N ARG A 121 0.91 -18.12 7.59
CA ARG A 121 -0.14 -17.44 8.32
C ARG A 121 0.28 -17.29 9.79
N PRO A 122 -0.23 -16.26 10.47
CA PRO A 122 -1.09 -15.21 9.93
C PRO A 122 -0.26 -14.08 9.30
N GLN A 123 -0.99 -13.13 8.72
CA GLN A 123 -0.41 -11.91 8.11
C GLN A 123 -1.22 -10.81 8.75
N ARG A 124 -0.63 -10.06 9.62
CA ARG A 124 -1.40 -9.05 10.40
C ARG A 124 -1.63 -7.75 9.74
N ASP A 125 -1.09 -7.60 8.51
CA ASP A 125 -1.35 -6.30 7.82
C ASP A 125 -2.80 -6.28 7.33
N GLY A 126 -3.30 -7.44 6.91
CA GLY A 126 -4.61 -7.62 6.31
C GLY A 126 -5.72 -6.82 6.90
N PRO A 127 -5.94 -7.05 8.19
CA PRO A 127 -7.01 -6.34 8.92
C PRO A 127 -6.88 -4.84 8.90
N ALA A 128 -5.67 -4.30 8.96
CA ALA A 128 -5.39 -2.85 8.96
C ALA A 128 -5.77 -2.24 7.62
N LEU A 129 -5.42 -2.94 6.55
CA LEU A 129 -5.70 -2.54 5.16
C LEU A 129 -7.19 -2.58 4.85
N ARG A 130 -7.83 -3.69 5.29
CA ARG A 130 -9.29 -3.77 5.07
C ARG A 130 -9.97 -2.61 5.77
N ALA A 131 -9.56 -2.29 6.99
CA ALA A 131 -10.15 -1.20 7.78
C ALA A 131 -9.91 0.15 7.13
N THR A 132 -8.75 0.35 6.56
CA THR A 132 -8.44 1.61 5.87
C THR A 132 -9.36 1.78 4.67
N ALA A 133 -9.54 0.70 3.90
CA ALA A 133 -10.44 0.78 2.71
C ALA A 133 -11.87 1.08 3.05
N MET A 134 -12.39 0.55 4.12
CA MET A 134 -13.77 0.76 4.55
C MET A 134 -13.99 2.14 5.16
N ILE A 135 -13.02 2.60 5.96
CA ILE A 135 -13.06 3.90 6.61
C ILE A 135 -13.21 4.97 5.54
N GLY A 136 -12.54 4.79 4.41
CA GLY A 136 -12.60 5.79 3.34
C GLY A 136 -14.05 5.93 2.82
N PHE A 137 -14.69 4.81 2.61
CA PHE A 137 -16.08 4.75 2.10
C PHE A 137 -17.04 5.22 3.18
N GLY A 138 -16.82 4.81 4.40
CA GLY A 138 -17.60 5.22 5.58
C GLY A 138 -17.55 6.72 5.72
N GLN A 139 -16.43 7.36 5.37
CA GLN A 139 -16.31 8.84 5.44
C GLN A 139 -17.24 9.46 4.38
N TRP A 140 -17.17 8.94 3.17
CA TRP A 140 -18.05 9.41 2.07
C TRP A 140 -19.51 9.36 2.50
N LEU A 141 -19.90 8.19 3.05
CA LEU A 141 -21.27 7.94 3.52
C LEU A 141 -21.70 9.00 4.52
N LEU A 142 -20.88 9.34 5.49
CA LEU A 142 -21.25 10.35 6.48
C LEU A 142 -21.39 11.72 5.80
N ASP A 143 -20.47 12.00 4.88
CA ASP A 143 -20.48 13.29 4.21
C ASP A 143 -21.64 13.51 3.27
N ASN A 144 -22.19 12.42 2.74
CA ASN A 144 -23.27 12.54 1.74
C ASN A 144 -24.62 12.20 2.31
N GLY A 145 -24.73 12.14 3.63
CA GLY A 145 -25.92 11.91 4.38
C GLY A 145 -26.42 10.49 4.55
N TYR A 146 -25.57 9.49 4.46
CA TYR A 146 -25.96 8.08 4.64
C TYR A 146 -25.35 7.59 5.96
N THR A 147 -25.67 8.33 6.99
CA THR A 147 -25.20 8.16 8.35
C THR A 147 -25.47 6.77 8.90
N SER A 148 -26.65 6.28 8.59
CA SER A 148 -27.05 4.95 9.06
C SER A 148 -26.19 3.88 8.45
N ALA A 149 -25.86 4.01 7.17
CA ALA A 149 -25.01 2.95 6.56
C ALA A 149 -23.64 2.93 7.20
N ALA A 150 -23.12 4.13 7.44
CA ALA A 150 -21.79 4.33 8.01
C ALA A 150 -21.70 3.76 9.43
N THR A 151 -22.72 4.02 10.20
CA THR A 151 -22.81 3.65 11.62
C THR A 151 -23.16 2.21 11.92
N GLU A 152 -24.09 1.68 11.15
CA GLU A 152 -24.55 0.30 11.44
C GLU A 152 -23.90 -0.76 10.58
N ILE A 153 -23.36 -0.37 9.41
CA ILE A 153 -22.69 -1.38 8.56
C ILE A 153 -21.16 -1.21 8.65
N VAL A 154 -20.67 -0.04 8.22
CA VAL A 154 -19.20 0.09 8.18
C VAL A 154 -18.50 0.03 9.54
N TRP A 155 -18.91 0.87 10.46
CA TRP A 155 -18.34 0.92 11.79
C TRP A 155 -18.19 -0.46 12.40
N PRO A 156 -19.26 -1.23 12.54
CA PRO A 156 -19.15 -2.56 13.13
C PRO A 156 -18.10 -3.41 12.47
N LEU A 157 -17.92 -3.33 11.16
CA LEU A 157 -16.96 -4.16 10.45
C LEU A 157 -15.53 -3.68 10.76
N VAL A 158 -15.36 -2.37 10.70
CA VAL A 158 -14.05 -1.77 11.01
C VAL A 158 -13.70 -2.13 12.46
N ARG A 159 -14.68 -2.07 13.33
CA ARG A 159 -14.48 -2.33 14.77
C ARG A 159 -13.78 -3.65 15.04
N ASN A 160 -14.16 -4.69 14.32
CA ASN A 160 -13.58 -6.02 14.38
C ASN A 160 -12.09 -5.98 14.03
N ASP A 161 -11.76 -5.43 12.86
CA ASP A 161 -10.40 -5.36 12.33
C ASP A 161 -9.49 -4.53 13.25
N LEU A 162 -9.99 -3.39 13.74
CA LEU A 162 -9.21 -2.55 14.63
C LEU A 162 -8.96 -3.27 15.97
N SER A 163 -9.89 -4.11 16.44
CA SER A 163 -9.67 -4.82 17.73
C SER A 163 -8.55 -5.82 17.53
N TYR A 164 -8.54 -6.38 16.32
CA TYR A 164 -7.50 -7.33 15.96
C TYR A 164 -6.12 -6.67 15.96
N VAL A 165 -5.96 -5.55 15.28
CA VAL A 165 -4.68 -4.83 15.22
C VAL A 165 -4.18 -4.47 16.63
N ALA A 166 -5.05 -3.93 17.48
CA ALA A 166 -4.66 -3.52 18.84
C ALA A 166 -4.19 -4.65 19.75
N GLN A 167 -4.76 -5.80 19.52
CA GLN A 167 -4.53 -7.01 20.26
C GLN A 167 -3.27 -7.74 19.86
N TYR A 168 -2.95 -7.77 18.58
CA TYR A 168 -1.81 -8.56 18.15
C TYR A 168 -0.70 -7.83 17.44
N TRP A 169 -0.69 -6.51 17.36
CA TRP A 169 0.44 -5.84 16.66
C TRP A 169 1.80 -6.30 17.12
N ASN A 170 1.96 -6.55 18.40
CA ASN A 170 3.21 -6.93 19.06
C ASN A 170 3.58 -8.38 19.05
N GLN A 171 3.09 -9.12 18.11
CA GLN A 171 3.37 -10.54 17.88
C GLN A 171 3.93 -10.74 16.46
N THR A 172 4.80 -11.69 16.29
CA THR A 172 5.34 -12.05 14.96
C THR A 172 4.25 -12.62 14.08
N GLY A 173 4.49 -12.70 12.78
CA GLY A 173 3.64 -13.22 11.72
C GLY A 173 4.44 -13.12 10.40
N TYR A 174 3.79 -13.38 9.29
CA TYR A 174 4.47 -13.29 8.00
C TYR A 174 4.35 -11.90 7.39
N ASP A 175 5.38 -11.56 6.66
CA ASP A 175 5.48 -10.28 5.91
C ASP A 175 4.52 -10.27 4.75
N LEU A 176 4.42 -9.09 4.08
CA LEU A 176 3.53 -9.02 2.93
C LEU A 176 4.01 -9.97 1.85
N TRP A 177 5.27 -10.36 1.79
CA TRP A 177 5.68 -11.26 0.67
C TRP A 177 5.38 -12.71 1.01
N GLU A 178 4.88 -12.95 2.20
CA GLU A 178 4.48 -14.27 2.72
C GLU A 178 5.60 -15.27 2.90
N GLU A 179 6.78 -14.78 3.31
CA GLU A 179 7.94 -15.69 3.43
C GLU A 179 8.72 -15.58 4.71
N VAL A 180 8.75 -14.36 5.26
CA VAL A 180 9.52 -14.16 6.49
C VAL A 180 8.63 -14.15 7.70
N ASN A 181 8.90 -15.08 8.61
CA ASN A 181 8.08 -15.08 9.85
C ASN A 181 8.77 -14.18 10.87
N GLY A 182 8.25 -12.99 11.13
CA GLY A 182 8.88 -12.07 12.13
C GLY A 182 8.05 -10.83 12.33
N SER A 183 8.69 -9.70 12.34
CA SER A 183 8.10 -8.36 12.56
C SER A 183 8.54 -7.51 11.35
N SER A 184 7.59 -6.98 10.63
CA SER A 184 7.87 -6.27 9.33
C SER A 184 7.39 -4.86 9.28
N PHE A 185 8.22 -3.99 8.72
CA PHE A 185 7.97 -2.55 8.58
C PHE A 185 6.61 -2.22 7.98
N PHE A 186 6.35 -2.74 6.81
CA PHE A 186 5.08 -2.48 6.09
C PHE A 186 3.92 -2.70 7.03
N THR A 187 3.92 -3.88 7.63
CA THR A 187 2.84 -4.27 8.57
C THR A 187 2.67 -3.27 9.68
N ILE A 188 3.77 -2.93 10.35
CA ILE A 188 3.73 -1.99 11.48
C ILE A 188 3.23 -0.63 11.06
N ALA A 189 3.74 -0.17 9.93
CA ALA A 189 3.36 1.14 9.38
C ALA A 189 1.89 1.23 9.04
N VAL A 190 1.35 0.22 8.38
CA VAL A 190 -0.11 0.28 8.01
C VAL A 190 -0.95 0.03 9.24
N GLN A 191 -0.41 -0.69 10.21
CA GLN A 191 -1.24 -0.86 11.44
C GLN A 191 -1.40 0.47 12.17
N HIS A 192 -0.32 1.20 12.35
CA HIS A 192 -0.33 2.51 13.04
C HIS A 192 -1.35 3.40 12.38
N ARG A 193 -1.24 3.54 11.07
CA ARG A 193 -2.20 4.33 10.28
C ARG A 193 -3.65 3.87 10.55
N ALA A 194 -3.95 2.59 10.45
CA ALA A 194 -5.33 2.14 10.68
C ALA A 194 -5.89 2.53 12.03
N LEU A 195 -5.07 2.42 13.10
CA LEU A 195 -5.54 2.78 14.45
C LEU A 195 -5.93 4.22 14.58
N VAL A 196 -5.12 5.09 14.10
CA VAL A 196 -5.33 6.55 14.11
C VAL A 196 -6.62 6.90 13.36
N GLU A 197 -6.70 6.41 12.13
CA GLU A 197 -7.90 6.75 11.36
C GLU A 197 -9.13 6.05 11.86
N GLY A 198 -8.96 4.92 12.57
CA GLY A 198 -10.13 4.17 13.09
C GLY A 198 -10.71 4.97 14.26
N SER A 199 -9.77 5.60 14.98
CA SER A 199 -10.20 6.36 16.15
C SER A 199 -11.03 7.57 15.77
N ALA A 200 -10.57 8.28 14.74
CA ALA A 200 -11.32 9.44 14.26
C ALA A 200 -12.69 8.98 13.72
N PHE A 201 -12.70 7.93 12.92
CA PHE A 201 -13.93 7.42 12.34
C PHE A 201 -14.93 7.04 13.44
N ALA A 202 -14.44 6.35 14.44
CA ALA A 202 -15.29 5.92 15.59
C ALA A 202 -15.94 7.13 16.20
N THR A 203 -15.16 8.18 16.45
CA THR A 203 -15.76 9.39 17.05
C THR A 203 -16.82 9.96 16.10
N ALA A 204 -16.52 9.96 14.82
CA ALA A 204 -17.42 10.54 13.82
C ALA A 204 -18.77 9.84 13.80
N VAL A 205 -18.82 8.55 14.08
CA VAL A 205 -20.10 7.82 14.09
C VAL A 205 -20.73 7.86 15.48
N GLY A 206 -20.13 8.59 16.42
CA GLY A 206 -20.71 8.72 17.76
C GLY A 206 -20.32 7.61 18.70
N SER A 207 -19.12 7.07 18.42
CA SER A 207 -18.72 5.91 19.31
C SER A 207 -17.30 6.15 19.75
N SER A 208 -16.52 5.14 19.99
CA SER A 208 -15.14 5.24 20.39
C SER A 208 -14.35 3.98 20.13
N CYS A 209 -13.05 4.20 20.18
CA CYS A 209 -12.02 3.21 19.99
C CYS A 209 -10.87 3.43 20.98
N SER A 210 -11.19 3.09 22.23
CA SER A 210 -10.21 3.29 23.35
C SER A 210 -8.93 2.56 23.02
N TRP A 211 -9.06 1.33 22.49
CA TRP A 211 -7.92 0.50 22.12
C TRP A 211 -7.14 1.08 20.93
N CYS A 212 -7.73 1.84 20.07
CA CYS A 212 -7.04 2.51 18.96
C CYS A 212 -6.06 3.54 19.63
N ASP A 213 -6.65 4.32 20.51
CA ASP A 213 -6.02 5.38 21.25
C ASP A 213 -4.81 4.92 22.09
N SER A 214 -4.93 3.86 22.88
CA SER A 214 -3.81 3.43 23.69
C SER A 214 -2.70 2.79 22.86
N GLN A 215 -3.06 2.03 21.83
CA GLN A 215 -2.03 1.34 21.04
C GLN A 215 -1.32 2.10 19.97
N ALA A 216 -1.95 3.06 19.32
CA ALA A 216 -1.31 3.81 18.22
C ALA A 216 0.06 4.37 18.57
N PRO A 217 0.17 5.12 19.67
CA PRO A 217 1.45 5.71 20.08
C PRO A 217 2.49 4.62 20.36
N GLN A 218 2.06 3.44 20.72
CA GLN A 218 3.01 2.33 21.00
C GLN A 218 3.53 1.70 19.74
N ILE A 219 2.67 1.60 18.73
CA ILE A 219 3.10 1.06 17.42
C ILE A 219 4.12 2.05 16.81
N LEU A 220 3.84 3.33 16.91
CA LEU A 220 4.67 4.41 16.39
C LEU A 220 6.05 4.30 17.07
N CYS A 221 6.03 4.17 18.38
CA CYS A 221 7.23 4.03 19.16
C CYS A 221 8.09 2.90 18.59
N TYR A 222 7.45 1.73 18.47
CA TYR A 222 8.13 0.54 17.93
C TYR A 222 8.63 0.75 16.53
N LEU A 223 7.88 1.41 15.67
CA LEU A 223 8.25 1.68 14.28
C LEU A 223 9.62 2.33 14.13
N GLN A 224 10.02 3.13 15.08
CA GLN A 224 11.31 3.84 15.09
C GLN A 224 12.50 2.90 15.04
N SER A 225 12.38 1.72 15.59
CA SER A 225 13.39 0.68 15.60
C SER A 225 13.79 0.15 14.23
N PHE A 226 12.97 0.34 13.21
CA PHE A 226 13.26 -0.16 11.86
C PHE A 226 14.32 0.71 11.17
N TRP A 227 14.55 1.92 11.62
CA TRP A 227 15.58 2.80 11.03
C TRP A 227 16.95 2.32 11.51
N THR A 228 17.84 2.01 10.55
CA THR A 228 19.15 1.49 10.99
C THR A 228 20.22 2.58 11.13
N GLY A 229 19.95 3.73 10.54
CA GLY A 229 20.92 4.84 10.56
C GLY A 229 21.30 5.08 9.07
N SER A 230 20.93 4.17 8.23
CA SER A 230 21.18 4.18 6.78
C SER A 230 20.00 3.91 5.86
N TYR A 231 19.12 3.04 6.35
CA TYR A 231 17.92 2.65 5.56
C TYR A 231 16.93 2.01 6.55
N ILE A 232 15.78 1.62 6.01
CA ILE A 232 14.72 1.02 6.83
C ILE A 232 14.86 -0.48 6.77
N LEU A 233 15.01 -1.12 7.89
CA LEU A 233 15.10 -2.58 7.97
C LEU A 233 13.72 -3.15 7.57
N ALA A 234 13.68 -4.07 6.64
CA ALA A 234 12.37 -4.56 6.22
C ALA A 234 11.68 -5.41 7.28
N ASN A 235 12.41 -6.28 7.92
CA ASN A 235 11.98 -7.22 8.91
C ASN A 235 13.11 -7.50 9.95
N PHE A 236 12.61 -7.76 11.11
CA PHE A 236 13.40 -8.25 12.23
C PHE A 236 13.27 -9.78 12.08
N ASP A 237 14.22 -10.53 12.52
CA ASP A 237 14.27 -12.00 12.48
C ASP A 237 14.59 -12.46 11.05
N SER A 238 15.37 -11.66 10.34
CA SER A 238 15.75 -12.05 8.97
C SER A 238 17.28 -12.07 8.86
N SER A 239 17.80 -12.88 7.99
CA SER A 239 19.22 -13.02 7.71
C SER A 239 19.58 -12.23 6.46
N ARG A 240 18.61 -11.65 5.82
CA ARG A 240 18.83 -10.85 4.60
C ARG A 240 19.45 -9.51 4.94
N SER A 241 19.80 -8.74 3.90
CA SER A 241 20.36 -7.40 4.16
C SER A 241 19.27 -6.52 4.78
N GLY A 242 18.04 -6.71 4.33
CA GLY A 242 16.91 -5.93 4.82
C GLY A 242 16.45 -4.80 3.92
N LYS A 243 17.10 -4.62 2.80
CA LYS A 243 16.71 -3.58 1.79
C LYS A 243 15.56 -4.28 1.04
N ASP A 244 14.38 -3.70 1.05
CA ASP A 244 13.20 -4.36 0.45
C ASP A 244 12.18 -3.30 0.05
N THR A 245 11.58 -3.43 -1.14
CA THR A 245 10.56 -2.47 -1.60
C THR A 245 9.36 -2.40 -0.69
N ASN A 246 9.29 -3.33 0.23
CA ASN A 246 8.31 -3.42 1.34
C ASN A 246 8.27 -2.04 1.99
N THR A 247 9.47 -1.51 2.20
CA THR A 247 9.64 -0.20 2.88
C THR A 247 9.15 0.97 2.06
N LEU A 248 9.23 0.87 0.76
CA LEU A 248 8.72 1.91 -0.17
C LEU A 248 7.20 1.88 -0.14
N LEU A 249 6.65 0.67 -0.19
CA LEU A 249 5.19 0.45 -0.14
C LEU A 249 4.66 1.02 1.18
N GLY A 250 5.41 0.73 2.24
CA GLY A 250 5.03 1.21 3.57
C GLY A 250 4.84 2.72 3.59
N SER A 251 5.75 3.44 2.97
CA SER A 251 5.75 4.91 2.89
C SER A 251 4.60 5.46 2.04
N ILE A 252 4.44 4.94 0.84
CA ILE A 252 3.42 5.39 -0.08
C ILE A 252 2.02 5.10 0.40
N HIS A 253 1.81 3.92 1.01
CA HIS A 253 0.44 3.58 1.52
C HIS A 253 0.14 4.29 2.82
N THR A 254 1.13 4.97 3.39
CA THR A 254 0.86 5.76 4.63
C THR A 254 1.16 7.23 4.35
N PHE A 255 1.26 7.61 3.08
CA PHE A 255 1.48 9.02 2.72
C PHE A 255 0.23 9.84 3.08
N ASP A 256 0.46 10.92 3.80
CA ASP A 256 -0.63 11.88 4.18
C ASP A 256 -0.28 13.19 3.47
N PRO A 257 -1.08 13.68 2.52
CA PRO A 257 -0.77 14.95 1.83
C PRO A 257 -0.68 16.16 2.74
N GLU A 258 -1.07 16.07 3.97
CA GLU A 258 -1.02 17.20 4.92
C GLU A 258 0.22 17.16 5.81
N ALA A 259 0.93 16.04 5.72
CA ALA A 259 2.12 15.81 6.50
C ALA A 259 3.33 16.55 5.92
N GLY A 260 4.22 16.93 6.83
CA GLY A 260 5.49 17.56 6.41
C GLY A 260 6.40 16.34 6.11
N CYS A 261 7.69 16.54 6.13
CA CYS A 261 8.68 15.50 5.82
C CYS A 261 9.11 14.83 7.12
N ASP A 262 8.12 14.23 7.79
CA ASP A 262 8.28 13.61 9.10
C ASP A 262 8.94 12.24 9.02
N ASP A 263 10.03 12.19 9.77
CA ASP A 263 10.85 10.98 9.88
C ASP A 263 10.11 9.98 10.79
N SER A 264 9.38 10.44 11.77
CA SER A 264 8.69 9.53 12.73
C SER A 264 7.71 8.60 12.04
N THR A 265 7.10 9.14 11.00
CA THR A 265 6.11 8.37 10.22
C THR A 265 6.64 7.95 8.88
N PHE A 266 7.92 8.22 8.58
CA PHE A 266 8.54 7.79 7.31
C PHE A 266 7.84 8.30 6.08
N GLN A 267 7.46 9.57 6.06
CA GLN A 267 6.75 10.17 4.90
C GLN A 267 7.67 10.14 3.71
N PRO A 268 7.10 10.21 2.51
CA PRO A 268 7.86 10.17 1.26
C PRO A 268 9.00 11.14 1.13
N CYS A 269 8.82 12.37 1.62
CA CYS A 269 9.88 13.39 1.56
C CYS A 269 10.73 13.39 2.84
N SER A 270 10.47 12.54 3.80
CA SER A 270 11.30 12.52 5.05
C SER A 270 12.71 12.13 4.67
N PRO A 271 13.71 12.73 5.28
CA PRO A 271 15.10 12.40 4.96
C PRO A 271 15.35 10.90 5.01
N ARG A 272 14.77 10.19 5.95
CA ARG A 272 14.93 8.75 6.13
C ARG A 272 14.33 7.97 4.94
N ALA A 273 13.13 8.38 4.52
CA ALA A 273 12.48 7.72 3.37
C ALA A 273 13.30 7.98 2.12
N LEU A 274 13.87 9.18 1.99
CA LEU A 274 14.71 9.51 0.83
C LEU A 274 16.01 8.71 0.86
N ALA A 275 16.67 8.66 1.98
CA ALA A 275 17.92 7.89 2.08
C ALA A 275 17.64 6.42 1.74
N ASN A 276 16.53 5.90 2.29
CA ASN A 276 16.09 4.53 2.11
C ASN A 276 15.84 4.23 0.64
N HIS A 277 15.18 5.15 -0.03
CA HIS A 277 14.83 5.01 -1.45
C HIS A 277 16.08 4.73 -2.28
N LYS A 278 17.14 5.52 -2.04
CA LYS A 278 18.40 5.29 -2.78
C LYS A 278 19.00 3.94 -2.44
N GLU A 279 19.09 3.56 -1.19
CA GLU A 279 19.67 2.26 -0.83
C GLU A 279 18.96 1.07 -1.45
N VAL A 280 17.63 1.06 -1.42
CA VAL A 280 16.78 -0.03 -1.96
C VAL A 280 16.92 -0.08 -3.49
N VAL A 281 16.72 1.05 -4.15
CA VAL A 281 16.85 1.08 -5.63
C VAL A 281 18.25 0.67 -6.06
N ASP A 282 19.29 1.21 -5.41
CA ASP A 282 20.68 0.89 -5.77
C ASP A 282 20.97 -0.59 -5.67
N SER A 283 20.24 -1.29 -4.82
CA SER A 283 20.51 -2.74 -4.62
C SER A 283 20.17 -3.56 -5.86
N PHE A 284 19.42 -3.05 -6.78
CA PHE A 284 19.03 -3.77 -7.99
C PHE A 284 19.82 -3.41 -9.24
N ARG A 285 20.57 -2.36 -9.20
CA ARG A 285 21.36 -1.86 -10.32
C ARG A 285 22.33 -2.89 -10.90
N SER A 286 23.06 -3.63 -10.13
CA SER A 286 24.03 -4.58 -10.68
C SER A 286 23.62 -6.03 -10.73
N ILE A 287 22.38 -6.37 -10.39
CA ILE A 287 21.97 -7.77 -10.36
C ILE A 287 21.07 -8.14 -11.52
N TYR A 288 20.60 -7.18 -12.26
CA TYR A 288 19.72 -7.36 -13.40
C TYR A 288 20.42 -6.83 -14.64
N THR A 289 20.57 -7.73 -15.58
CA THR A 289 21.19 -7.50 -16.88
C THR A 289 20.44 -6.37 -17.57
N LEU A 290 19.16 -6.28 -17.25
CA LEU A 290 18.30 -5.23 -17.85
C LEU A 290 18.77 -3.85 -17.42
N ASN A 291 19.51 -3.78 -16.32
CA ASN A 291 19.99 -2.50 -15.78
C ASN A 291 21.42 -2.15 -16.20
N ASP A 292 22.04 -3.07 -16.89
CA ASP A 292 23.42 -2.93 -17.39
C ASP A 292 23.56 -1.64 -18.19
N GLY A 293 24.57 -0.85 -17.91
CA GLY A 293 24.85 0.40 -18.56
C GLY A 293 24.24 1.67 -18.01
N LEU A 294 23.17 1.57 -17.24
CA LEU A 294 22.51 2.74 -16.66
C LEU A 294 23.39 3.35 -15.59
N SER A 295 23.36 4.66 -15.47
CA SER A 295 24.16 5.35 -14.43
C SER A 295 23.29 5.55 -13.19
N ASP A 296 23.90 5.99 -12.14
CA ASP A 296 23.32 6.24 -10.84
C ASP A 296 22.28 7.34 -10.83
N SER A 297 22.28 8.09 -11.90
CA SER A 297 21.34 9.21 -12.11
C SER A 297 20.08 8.76 -12.85
N GLU A 298 20.06 7.49 -13.25
CA GLU A 298 18.98 6.91 -14.01
C GLU A 298 18.16 5.86 -13.26
N ALA A 299 16.89 5.87 -13.64
CA ALA A 299 15.88 4.94 -13.11
C ALA A 299 16.24 3.54 -13.58
N VAL A 300 15.98 2.57 -12.68
CA VAL A 300 16.28 1.16 -13.02
C VAL A 300 15.03 0.33 -12.71
N ALA A 301 15.04 -0.89 -13.23
CA ALA A 301 13.96 -1.89 -13.02
C ALA A 301 14.11 -2.34 -11.56
N VAL A 302 13.03 -2.35 -10.83
CA VAL A 302 13.15 -2.71 -9.37
C VAL A 302 12.37 -3.96 -9.05
N GLY A 303 12.95 -4.78 -8.21
CA GLY A 303 12.31 -6.03 -7.73
C GLY A 303 11.89 -5.85 -6.29
N ARG A 304 11.72 -6.99 -5.60
CA ARG A 304 11.30 -6.95 -4.19
C ARG A 304 12.47 -6.72 -3.24
N TYR A 305 13.43 -7.62 -3.22
CA TYR A 305 14.60 -7.56 -2.35
C TYR A 305 15.73 -8.19 -3.16
N PRO A 306 16.94 -7.74 -2.96
CA PRO A 306 18.09 -8.22 -3.73
C PRO A 306 18.35 -9.69 -3.60
N GLU A 307 17.91 -10.30 -2.52
CA GLU A 307 18.15 -11.75 -2.33
C GLU A 307 17.10 -12.65 -2.96
N ASP A 308 16.05 -12.12 -3.45
CA ASP A 308 14.91 -12.83 -4.06
C ASP A 308 15.28 -13.88 -5.08
N SER A 309 14.80 -15.10 -4.91
CA SER A 309 15.00 -16.19 -5.88
C SER A 309 13.67 -16.56 -6.58
N TYR A 310 12.57 -15.95 -6.20
CA TYR A 310 11.24 -16.27 -6.77
C TYR A 310 11.26 -16.07 -8.27
N TYR A 311 11.09 -17.17 -8.99
CA TYR A 311 11.10 -17.25 -10.44
C TYR A 311 12.43 -16.74 -11.00
N ASN A 312 13.44 -16.85 -10.14
CA ASN A 312 14.79 -16.44 -10.29
C ASN A 312 15.09 -15.07 -9.68
N GLY A 313 14.08 -14.39 -9.20
CA GLY A 313 14.30 -13.03 -8.61
C GLY A 313 14.42 -12.09 -9.82
N ASN A 314 13.38 -11.37 -10.10
CA ASN A 314 13.22 -10.44 -11.22
C ASN A 314 12.53 -9.14 -10.76
N PRO A 315 12.56 -8.14 -11.61
CA PRO A 315 11.87 -6.87 -11.32
C PRO A 315 10.34 -7.14 -11.29
N TRP A 316 9.60 -6.33 -10.55
CA TRP A 316 8.14 -6.48 -10.45
C TRP A 316 7.52 -5.18 -10.92
N PHE A 317 6.42 -5.17 -11.60
CA PHE A 317 5.80 -3.92 -12.05
C PHE A 317 5.45 -3.04 -10.85
N LEU A 318 4.78 -3.61 -9.84
CA LEU A 318 4.37 -2.82 -8.69
C LEU A 318 5.53 -2.22 -7.87
N CYS A 319 6.66 -2.86 -7.86
CA CYS A 319 7.86 -2.42 -7.12
C CYS A 319 8.49 -1.24 -7.85
N THR A 320 8.57 -1.39 -9.15
CA THR A 320 9.11 -0.35 -10.05
C THR A 320 8.24 0.89 -9.94
N LEU A 321 6.93 0.71 -9.93
CA LEU A 321 5.97 1.82 -9.81
C LEU A 321 6.03 2.49 -8.44
N ALA A 322 6.29 1.70 -7.41
CA ALA A 322 6.37 2.24 -6.04
C ALA A 322 7.55 3.19 -5.96
N ALA A 323 8.63 2.83 -6.64
CA ALA A 323 9.85 3.65 -6.70
C ALA A 323 9.55 5.03 -7.27
N ALA A 324 8.67 5.09 -8.24
CA ALA A 324 8.29 6.36 -8.86
C ALA A 324 7.25 7.06 -7.97
N GLU A 325 6.25 6.37 -7.48
CA GLU A 325 5.19 6.93 -6.67
C GLU A 325 5.70 7.69 -5.46
N GLN A 326 6.69 7.19 -4.79
CA GLN A 326 7.25 7.88 -3.60
C GLN A 326 7.76 9.26 -4.01
N LEU A 327 8.42 9.34 -5.13
CA LEU A 327 9.00 10.61 -5.66
C LEU A 327 7.91 11.58 -6.02
N TYR A 328 6.87 11.13 -6.72
CA TYR A 328 5.75 11.99 -7.07
C TYR A 328 5.15 12.53 -5.75
N ASP A 329 5.13 11.72 -4.73
CA ASP A 329 4.56 12.10 -3.42
C ASP A 329 5.42 13.18 -2.73
N ALA A 330 6.72 12.98 -2.81
CA ALA A 330 7.68 13.95 -2.24
C ALA A 330 7.55 15.26 -3.02
N LEU A 331 7.49 15.20 -4.37
CA LEU A 331 7.38 16.47 -5.13
C LEU A 331 6.18 17.27 -4.66
N TYR A 332 5.07 16.55 -4.49
CA TYR A 332 3.81 17.20 -4.05
C TYR A 332 4.02 17.96 -2.74
N GLN A 333 4.57 17.21 -1.80
CA GLN A 333 4.87 17.68 -0.45
C GLN A 333 5.78 18.90 -0.50
N TRP A 334 6.83 18.86 -1.32
CA TRP A 334 7.76 20.02 -1.38
C TRP A 334 6.99 21.25 -1.88
N ASP A 335 6.27 21.07 -2.98
CA ASP A 335 5.46 22.12 -3.57
C ASP A 335 4.51 22.77 -2.56
N LYS A 336 3.83 21.98 -1.76
CA LYS A 336 2.86 22.46 -0.79
C LYS A 336 3.50 23.28 0.33
N GLN A 337 4.64 22.84 0.76
CA GLN A 337 5.47 23.42 1.78
C GLN A 337 6.13 24.75 1.29
N GLY A 338 6.52 24.74 0.03
CA GLY A 338 7.19 25.86 -0.59
C GLY A 338 8.69 25.85 -0.37
N SER A 339 9.25 24.71 -0.01
CA SER A 339 10.69 24.53 0.21
C SER A 339 10.98 23.02 0.23
N LEU A 340 12.25 22.79 0.13
CA LEU A 340 12.89 21.48 0.16
C LEU A 340 14.14 21.66 1.04
N GLU A 341 14.34 20.69 1.90
CA GLU A 341 15.52 20.72 2.79
C GLU A 341 16.43 19.54 2.43
N ILE A 342 17.74 19.75 2.50
CA ILE A 342 18.71 18.67 2.27
C ILE A 342 19.48 18.52 3.62
N THR A 343 19.50 17.30 4.12
CA THR A 343 20.19 17.01 5.38
C THR A 343 21.32 16.04 5.04
N ASP A 344 22.13 15.76 6.03
CA ASP A 344 23.27 14.86 5.93
C ASP A 344 22.74 13.46 5.64
N VAL A 345 21.58 13.17 6.20
CA VAL A 345 20.92 11.87 5.99
C VAL A 345 20.54 11.74 4.51
N SER A 346 19.88 12.72 3.93
CA SER A 346 19.48 12.67 2.52
C SER A 346 20.42 13.18 1.47
N LEU A 347 21.63 13.64 1.83
CA LEU A 347 22.57 14.14 0.84
C LEU A 347 22.88 13.20 -0.30
N ASP A 348 23.12 11.93 -0.04
CA ASP A 348 23.45 10.96 -1.11
C ASP A 348 22.32 10.86 -2.12
N PHE A 349 21.09 10.83 -1.63
CA PHE A 349 19.92 10.76 -2.51
C PHE A 349 19.99 11.93 -3.50
N PHE A 350 20.09 13.15 -3.01
CA PHE A 350 20.12 14.36 -3.83
C PHE A 350 21.31 14.50 -4.75
N LYS A 351 22.49 14.28 -4.27
CA LYS A 351 23.77 14.37 -4.99
C LYS A 351 23.84 13.44 -6.18
N ALA A 352 23.24 12.27 -6.08
CA ALA A 352 23.26 11.37 -7.23
C ALA A 352 22.48 12.00 -8.40
N LEU A 353 21.49 12.83 -8.10
CA LEU A 353 20.63 13.44 -9.10
C LEU A 353 21.04 14.84 -9.49
N TYR A 354 21.52 15.58 -8.53
CA TYR A 354 21.98 16.98 -8.70
C TYR A 354 23.33 17.08 -7.97
N SER A 355 24.38 16.91 -8.76
CA SER A 355 25.76 16.89 -8.24
C SER A 355 26.15 18.13 -7.47
N GLY A 356 25.51 19.24 -7.66
CA GLY A 356 25.85 20.44 -6.87
C GLY A 356 25.09 20.45 -5.55
N ALA A 357 24.60 19.31 -5.10
CA ALA A 357 23.78 19.29 -3.86
C ALA A 357 24.65 19.59 -2.64
N ALA A 358 24.07 20.36 -1.75
CA ALA A 358 24.67 20.76 -0.46
C ALA A 358 23.53 20.87 0.55
N THR A 359 23.79 20.55 1.80
CA THR A 359 22.76 20.62 2.85
C THR A 359 22.29 22.04 3.03
N GLY A 360 21.05 22.22 3.42
CA GLY A 360 20.48 23.59 3.61
C GLY A 360 19.00 23.55 3.21
N THR A 361 18.33 24.69 3.32
CA THR A 361 16.92 24.84 2.93
C THR A 361 16.83 25.66 1.62
N TYR A 362 16.02 25.18 0.74
CA TYR A 362 15.81 25.72 -0.59
C TYR A 362 14.37 26.10 -0.87
N SER A 363 14.12 27.41 -0.86
CA SER A 363 12.73 27.86 -1.13
C SER A 363 12.33 27.45 -2.56
N SER A 364 11.05 27.47 -2.84
CA SER A 364 10.53 27.07 -4.18
C SER A 364 10.83 28.08 -5.27
N SER A 365 11.30 29.26 -4.94
CA SER A 365 11.63 30.25 -5.99
C SER A 365 13.13 30.19 -6.28
N SER A 366 13.85 29.40 -5.50
CA SER A 366 15.31 29.33 -5.62
C SER A 366 15.74 28.49 -6.82
N SER A 367 16.94 28.81 -7.31
CA SER A 367 17.49 28.11 -8.46
C SER A 367 17.75 26.63 -8.12
N THR A 368 18.23 26.36 -6.95
CA THR A 368 18.55 25.00 -6.54
C THR A 368 17.27 24.13 -6.52
N TYR A 369 16.21 24.68 -5.98
CA TYR A 369 14.92 23.98 -5.93
C TYR A 369 14.45 23.55 -7.32
N SER A 370 14.50 24.47 -8.25
CA SER A 370 14.07 24.21 -9.64
C SER A 370 14.89 23.11 -10.27
N SER A 371 16.19 23.15 -9.97
CA SER A 371 17.16 22.18 -10.47
C SER A 371 16.88 20.79 -9.93
N ILE A 372 16.66 20.66 -8.66
CA ILE A 372 16.38 19.40 -7.97
C ILE A 372 14.99 18.85 -8.36
N VAL A 373 13.96 19.63 -8.25
CA VAL A 373 12.59 19.16 -8.57
C VAL A 373 12.51 18.70 -10.00
N SER A 374 13.23 19.31 -10.96
CA SER A 374 13.23 18.80 -12.33
C SER A 374 13.91 17.44 -12.40
N ALA A 375 15.07 17.36 -11.78
CA ALA A 375 15.81 16.09 -11.85
C ALA A 375 15.02 14.95 -11.20
N VAL A 376 14.32 15.27 -10.11
CA VAL A 376 13.54 14.27 -9.37
C VAL A 376 12.38 13.79 -10.24
N LYS A 377 11.70 14.71 -10.88
CA LYS A 377 10.56 14.36 -11.76
C LYS A 377 11.03 13.50 -12.92
N THR A 378 12.15 13.85 -13.53
CA THR A 378 12.70 13.10 -14.66
C THR A 378 13.01 11.66 -14.23
N PHE A 379 13.61 11.55 -13.07
CA PHE A 379 14.00 10.26 -12.44
C PHE A 379 12.73 9.43 -12.17
N ALA A 380 11.75 10.06 -11.54
CA ALA A 380 10.48 9.36 -11.26
C ALA A 380 9.87 8.84 -12.56
N ASP A 381 9.75 9.66 -13.57
CA ASP A 381 9.20 9.30 -14.88
C ASP A 381 9.97 8.16 -15.53
N GLY A 382 11.26 8.09 -15.34
CA GLY A 382 12.11 7.05 -15.92
C GLY A 382 11.64 5.70 -15.40
N PHE A 383 11.26 5.65 -14.13
CA PHE A 383 10.76 4.38 -13.56
C PHE A 383 9.52 3.92 -14.34
N VAL A 384 8.67 4.87 -14.68
CA VAL A 384 7.42 4.62 -15.39
C VAL A 384 7.66 4.21 -16.83
N SER A 385 8.67 4.74 -17.45
CA SER A 385 9.07 4.40 -18.81
C SER A 385 9.51 2.94 -18.88
N ILE A 386 10.16 2.47 -17.83
CA ILE A 386 10.59 1.07 -17.77
C ILE A 386 9.36 0.15 -17.85
N VAL A 387 8.31 0.50 -17.16
CA VAL A 387 7.04 -0.23 -17.12
C VAL A 387 6.38 -0.20 -18.49
N GLU A 388 6.30 1.00 -19.06
CA GLU A 388 5.68 1.18 -20.38
C GLU A 388 6.40 0.27 -21.38
N THR A 389 7.69 0.25 -21.29
CA THR A 389 8.59 -0.53 -22.14
C THR A 389 8.28 -2.01 -22.10
N HIS A 390 7.92 -2.52 -20.92
CA HIS A 390 7.71 -3.96 -20.75
C HIS A 390 6.29 -4.44 -20.61
N ALA A 391 5.32 -3.57 -20.57
CA ALA A 391 3.90 -3.94 -20.50
C ALA A 391 3.55 -4.64 -21.83
N ALA A 392 2.47 -5.40 -21.88
CA ALA A 392 2.06 -6.08 -23.15
C ALA A 392 1.53 -4.99 -24.09
N SER A 393 1.38 -5.30 -25.36
CA SER A 393 0.89 -4.34 -26.35
C SER A 393 -0.53 -3.90 -26.06
N ASN A 394 -1.32 -4.79 -25.47
CA ASN A 394 -2.71 -4.36 -25.15
C ASN A 394 -2.76 -3.76 -23.76
N GLY A 395 -1.61 -3.59 -23.10
CA GLY A 395 -1.61 -2.98 -21.80
C GLY A 395 -1.61 -3.93 -20.62
N SER A 396 -1.53 -5.23 -21.14
CA SER A 396 -1.54 -6.22 -19.96
C SER A 396 -0.31 -6.19 -19.08
N LEU A 397 -0.51 -6.15 -17.72
CA LEU A 397 0.57 -6.08 -16.70
C LEU A 397 0.45 -7.34 -15.75
N SER A 398 1.51 -8.04 -15.84
CA SER A 398 1.96 -9.26 -15.23
C SER A 398 2.48 -8.92 -13.81
N GLU A 399 2.94 -9.94 -13.12
CA GLU A 399 3.51 -9.75 -11.80
C GLU A 399 4.96 -9.24 -11.93
N GLN A 400 5.72 -9.95 -12.72
CA GLN A 400 7.13 -9.81 -12.98
C GLN A 400 7.48 -9.60 -14.46
N PHE A 401 8.70 -9.21 -14.65
CA PHE A 401 9.28 -8.94 -16.00
C PHE A 401 10.72 -9.46 -15.82
N ASP A 402 11.13 -10.21 -16.82
CA ASP A 402 12.40 -10.89 -16.83
C ASP A 402 13.60 -9.98 -16.58
N LYS A 403 14.45 -10.43 -15.69
CA LYS A 403 15.67 -9.72 -15.26
C LYS A 403 16.69 -9.51 -16.37
N SER A 404 16.57 -10.25 -17.45
CA SER A 404 17.48 -10.14 -18.58
C SER A 404 16.81 -9.63 -19.84
N ASP A 405 15.63 -10.14 -20.20
CA ASP A 405 14.98 -9.68 -21.45
C ASP A 405 13.71 -8.91 -21.20
N GLY A 406 13.27 -8.75 -19.97
CA GLY A 406 12.05 -7.98 -19.75
C GLY A 406 10.77 -8.59 -20.19
N ASP A 407 10.70 -9.84 -20.62
CA ASP A 407 9.40 -10.45 -21.01
C ASP A 407 8.58 -10.64 -19.71
N GLU A 408 7.28 -10.62 -19.86
CA GLU A 408 6.36 -10.79 -18.71
C GLU A 408 6.42 -12.22 -18.25
N LEU A 409 6.36 -12.45 -16.96
CA LEU A 409 6.45 -13.83 -16.40
C LEU A 409 5.64 -13.84 -15.13
N SER A 410 5.44 -15.00 -14.55
CA SER A 410 4.68 -15.21 -13.30
C SER A 410 3.21 -14.89 -13.56
N ALA A 411 2.39 -14.63 -12.57
CA ALA A 411 0.93 -14.42 -12.71
C ALA A 411 0.55 -13.32 -13.67
N ARG A 412 -0.32 -13.66 -14.62
CA ARG A 412 -0.80 -12.69 -15.62
C ARG A 412 -1.88 -11.81 -15.01
N ASP A 413 -2.06 -10.64 -15.63
CA ASP A 413 -3.07 -9.66 -15.24
C ASP A 413 -3.23 -9.57 -13.73
N LEU A 414 -2.16 -9.22 -13.04
CA LEU A 414 -2.20 -9.12 -11.55
C LEU A 414 -2.90 -7.84 -11.16
N THR A 415 -3.96 -8.01 -10.39
CA THR A 415 -4.80 -6.92 -9.90
C THR A 415 -3.94 -5.86 -9.21
N TRP A 416 -3.02 -6.33 -8.38
CA TRP A 416 -2.15 -5.41 -7.63
C TRP A 416 -1.31 -4.59 -8.61
N SER A 417 -0.82 -5.17 -9.69
CA SER A 417 -0.09 -4.44 -10.71
C SER A 417 -0.96 -3.29 -11.25
N TYR A 418 -2.23 -3.52 -11.55
CA TYR A 418 -3.07 -2.44 -12.09
C TYR A 418 -3.36 -1.36 -11.06
N ALA A 419 -3.66 -1.73 -9.83
CA ALA A 419 -3.90 -0.73 -8.77
C ALA A 419 -2.67 0.15 -8.56
N ALA A 420 -1.49 -0.39 -8.62
CA ALA A 420 -0.19 0.29 -8.51
C ALA A 420 0.02 1.28 -9.64
N LEU A 421 -0.52 0.97 -10.83
CA LEU A 421 -0.42 1.89 -11.98
C LEU A 421 -1.32 3.08 -11.70
N LEU A 422 -2.55 2.79 -11.26
CA LEU A 422 -3.48 3.88 -10.99
C LEU A 422 -3.03 4.89 -9.95
N THR A 423 -2.48 4.42 -8.85
CA THR A 423 -2.06 5.32 -7.77
C THR A 423 -0.84 6.11 -8.23
N ALA A 424 0.09 5.49 -8.93
CA ALA A 424 1.29 6.22 -9.40
C ALA A 424 0.89 7.33 -10.36
N ASN A 425 -0.06 7.03 -11.24
CA ASN A 425 -0.54 7.98 -12.23
C ASN A 425 -1.24 9.14 -11.53
N ASN A 426 -2.10 8.79 -10.58
CA ASN A 426 -2.82 9.82 -9.79
C ASN A 426 -1.82 10.77 -9.12
N ARG A 427 -0.85 10.19 -8.46
CA ARG A 427 0.18 10.96 -7.74
C ARG A 427 0.99 11.81 -8.71
N ARG A 428 1.25 11.26 -9.88
CA ARG A 428 2.00 11.96 -10.93
C ARG A 428 1.26 13.24 -11.31
N ASN A 429 -0.07 13.18 -11.27
CA ASN A 429 -0.98 14.24 -11.59
C ASN A 429 -1.39 15.11 -10.44
N SER A 430 -0.84 14.94 -9.27
CA SER A 430 -1.18 15.74 -8.09
C SER A 430 -2.55 15.37 -7.56
N VAL A 431 -2.99 14.15 -7.78
CA VAL A 431 -4.28 13.66 -7.22
C VAL A 431 -3.82 12.81 -6.01
N VAL A 432 -4.15 13.36 -4.86
CA VAL A 432 -3.73 12.69 -3.61
C VAL A 432 -4.92 12.18 -2.84
N PRO A 433 -4.68 11.23 -1.95
CA PRO A 433 -5.72 10.64 -1.14
C PRO A 433 -6.08 11.54 0.04
N PRO A 434 -7.24 11.26 0.62
CA PRO A 434 -7.68 12.03 1.80
C PRO A 434 -6.68 11.76 2.91
N SER A 435 -6.53 12.73 3.77
CA SER A 435 -5.59 12.68 4.91
C SER A 435 -6.06 11.66 5.92
N TRP A 436 -5.17 11.13 6.75
CA TRP A 436 -5.52 10.13 7.76
C TRP A 436 -5.24 10.64 9.18
N GLY A 437 -4.85 11.91 9.25
CA GLY A 437 -4.59 12.57 10.50
C GLY A 437 -3.17 12.42 10.99
N GLU A 438 -2.23 12.26 10.07
CA GLU A 438 -0.82 12.09 10.45
C GLU A 438 -0.33 13.24 11.33
N THR A 439 -0.86 14.42 11.14
CA THR A 439 -0.43 15.59 11.90
C THR A 439 -0.71 15.58 13.37
N SER A 440 -1.61 14.75 13.87
CA SER A 440 -1.82 14.69 15.32
C SER A 440 -1.34 13.30 15.78
N ALA A 441 -0.59 12.59 14.95
CA ALA A 441 -0.11 11.26 15.28
C ALA A 441 1.30 10.95 14.84
N SER A 442 2.21 11.90 15.02
CA SER A 442 3.61 11.67 14.66
C SER A 442 4.53 11.84 15.87
N SER A 443 3.96 12.12 17.01
CA SER A 443 4.77 12.27 18.26
C SER A 443 5.08 10.91 18.85
N VAL A 444 6.35 10.65 19.07
CA VAL A 444 6.84 9.36 19.61
C VAL A 444 6.89 9.46 21.14
N PRO A 445 6.44 8.43 21.82
CA PRO A 445 6.49 8.37 23.30
C PRO A 445 7.94 8.25 23.74
N GLY A 446 8.22 8.69 24.98
CA GLY A 446 9.57 8.64 25.52
C GLY A 446 10.10 7.24 25.74
N THR A 447 9.23 6.31 26.07
CA THR A 447 9.55 4.90 26.35
C THR A 447 8.61 3.96 25.60
N CYS A 448 9.13 3.05 24.83
CA CYS A 448 8.30 2.07 24.12
C CYS A 448 8.00 0.88 25.08
N ALA A 449 6.80 0.40 25.05
CA ALA A 449 6.36 -0.75 25.84
C ALA A 449 5.85 -1.88 24.92
N ALA A 450 6.12 -3.09 25.32
CA ALA A 450 5.67 -4.32 24.62
C ALA A 450 4.31 -4.60 25.30
N THR A 451 3.24 -4.23 24.63
CA THR A 451 1.87 -4.32 25.13
C THR A 451 0.87 -4.60 24.02
N SER A 452 -0.39 -4.52 24.37
CA SER A 452 -1.59 -4.70 23.60
C SER A 452 -2.80 -4.13 24.38
N ALA A 453 -3.92 -4.11 23.73
CA ALA A 453 -5.21 -3.70 24.26
C ALA A 453 -6.23 -4.61 23.53
N SER A 454 -7.12 -5.21 24.28
CA SER A 454 -8.18 -6.06 23.71
C SER A 454 -9.39 -5.22 23.39
N GLY A 455 -9.95 -5.36 22.19
CA GLY A 455 -11.13 -4.48 21.88
C GLY A 455 -12.40 -5.31 22.11
N THR A 456 -13.11 -5.49 21.00
CA THR A 456 -14.38 -6.22 21.02
C THR A 456 -14.66 -6.77 19.63
N TYR A 457 -15.29 -7.93 19.65
CA TYR A 457 -15.66 -8.70 18.49
C TYR A 457 -17.16 -9.00 18.49
N SER A 458 -17.73 -8.82 17.32
CA SER A 458 -19.15 -9.05 17.10
C SER A 458 -19.38 -9.21 15.58
N SER A 459 -20.16 -10.23 15.29
CA SER A 459 -20.48 -10.58 13.91
C SER A 459 -21.44 -9.64 13.25
N VAL A 460 -21.09 -9.19 12.04
CA VAL A 460 -21.96 -8.22 11.33
C VAL A 460 -22.75 -8.92 10.21
N THR A 461 -23.99 -8.50 10.16
CA THR A 461 -24.94 -9.01 9.14
C THR A 461 -25.42 -7.81 8.34
N VAL A 462 -25.22 -7.89 7.07
CA VAL A 462 -25.64 -6.84 6.14
C VAL A 462 -26.92 -7.33 5.45
N THR A 463 -28.03 -6.89 6.04
CA THR A 463 -29.34 -7.25 5.53
C THR A 463 -29.63 -6.59 4.19
N SER A 464 -29.43 -5.29 4.13
CA SER A 464 -29.67 -4.48 2.94
C SER A 464 -28.88 -3.17 2.99
N TRP A 465 -28.64 -2.67 1.81
CA TRP A 465 -27.95 -1.39 1.58
C TRP A 465 -29.06 -0.39 1.23
N PRO A 466 -29.01 0.76 1.85
CA PRO A 466 -29.96 1.85 1.53
C PRO A 466 -29.69 2.23 0.06
N SER A 467 -30.70 2.78 -0.58
CA SER A 467 -30.59 3.19 -1.99
C SER A 467 -29.77 4.46 -2.12
N ILE A 468 -28.46 4.21 -2.18
CA ILE A 468 -27.45 5.25 -2.30
C ILE A 468 -27.38 5.70 -3.77
N VAL A 469 -27.31 7.00 -3.89
CA VAL A 469 -27.17 7.70 -5.16
C VAL A 469 -25.89 8.55 -5.04
N ALA A 470 -25.13 8.51 -6.13
CA ALA A 470 -23.87 9.25 -6.25
C ALA A 470 -23.89 9.93 -7.62
#